data_8QV6
#
_entry.id   8QV6
#
_cell.length_a   1.00
_cell.length_b   1.00
_cell.length_c   1.00
_cell.angle_alpha   90.00
_cell.angle_beta   90.00
_cell.angle_gamma   90.00
#
_symmetry.space_group_name_H-M   'P 1'
#
loop_
_entity.id
_entity.type
_entity.pdbx_description
1 polymer 'Sphingosine-1-phosphate transporter SPNS2'
2 polymer 'Nanobody D12'
3 non-polymer DODECYL-BETA-D-MALTOSIDE
#
loop_
_entity_poly.entity_id
_entity_poly.type
_entity_poly.pdbx_seq_one_letter_code
_entity_poly.pdbx_strand_id
1 'polypeptide(L)'
;MMCLECASAAAGGAEEEEADAERRRRRRGAQRGAGGSGCCGARGAGGAGVSAAGDEVQTLSGSVRRAPTGPPGTPGTPGC
AATAKGPGAQQPKPASLGRGRGAAAAILSLGNVLNYLDRYTVAGVLLDIQQHFGVKDRGAGLLQSVFICSFMVAAPIFGY
LGDRFNRKVILSCGIFFWSAVTFSSSFIPQQYFWLLVLSRGLVGIGEASYSTIAPTIIGDLFTKNTRTLMLSVFYFAIPL
GSGLGYITGSSVKQAAGDWHWALRVSPVLGMITGTLILILVPATKRGHADQLGDQLKARTSWLRDMKALIRNRSYVFSSL
ATSAVSFATGALGMWIPLYLHRAQVVQKTAETCNSPPCGAKDSLIFGAITCFTGFLGVVTGAGATRWCRLKTQRADPLVC
AVGMLGSAIFICLIFVAAKSSIVGAYICIFVGETLLFSNWAITADILMYVVIPTRRATAVALQSFTSHLLGDAGSPYLIG
FISDLIRQSTKDSPLWEFLSLGYALMLCPFVVVLGGMFFLATALFFVSDRARAEQQVNQLAMPPASVKVAENLYFQ
;
A
2 'polypeptide(L)'
;QVQLVESGGGLVQAGGSLRLSCAASGRLLSWYDMAWFRQAPGKEREFVAAVTSTGAGTHYVDSVKGRFTISRVNAKNTMY
LQMNSLKPEDTAVYYCAAANTRLTALSLRTTTGSWAYWGKGTPVTVSSADYKDDDDKHHHHHH
;
B
#
loop_
_chem_comp.id
_chem_comp.type
_chem_comp.name
_chem_comp.formula
LMT D-saccharide DODECYL-BETA-D-MALTOSIDE 'C24 H46 O11'
#
# COMPACT_ATOMS: atom_id res chain seq x y z
N GLY A 100 -10.68 -1.94 -27.40
CA GLY A 100 -11.88 -1.20 -27.07
C GLY A 100 -11.92 -0.73 -25.63
N ARG A 101 -11.14 -1.40 -24.77
CA ARG A 101 -11.07 -1.06 -23.36
C ARG A 101 -9.80 -0.33 -22.97
N GLY A 102 -8.74 -0.43 -23.77
CA GLY A 102 -7.50 0.24 -23.45
C GLY A 102 -7.63 1.75 -23.37
N ALA A 103 -8.47 2.33 -24.23
CA ALA A 103 -8.71 3.76 -24.18
C ALA A 103 -9.31 4.17 -22.83
N ALA A 104 -10.22 3.35 -22.31
CA ALA A 104 -10.80 3.64 -21.00
C ALA A 104 -9.73 3.61 -19.92
N ALA A 105 -8.83 2.62 -19.97
CA ALA A 105 -7.75 2.55 -18.98
C ALA A 105 -6.86 3.77 -19.07
N ALA A 106 -6.52 4.18 -20.30
CA ALA A 106 -5.67 5.37 -20.46
C ALA A 106 -6.35 6.62 -19.92
N ILE A 107 -7.65 6.78 -20.19
CA ILE A 107 -8.39 7.94 -19.75
C ILE A 107 -8.48 7.94 -18.22
N LEU A 108 -8.69 6.77 -17.63
CA LEU A 108 -8.73 6.69 -16.17
C LEU A 108 -7.38 7.03 -15.55
N SER A 109 -6.29 6.56 -16.19
CA SER A 109 -4.96 6.90 -15.71
C SER A 109 -4.70 8.39 -15.78
N LEU A 110 -5.09 9.02 -16.88
CA LEU A 110 -4.97 10.48 -16.99
C LEU A 110 -5.83 11.18 -15.96
N GLY A 111 -7.03 10.67 -15.69
CA GLY A 111 -7.87 11.26 -14.67
C GLY A 111 -7.26 11.16 -13.29
N ASN A 112 -6.60 10.04 -13.00
CA ASN A 112 -5.92 9.92 -11.70
C ASN A 112 -4.71 10.85 -11.63
N VAL A 113 -4.00 11.02 -12.74
CA VAL A 113 -2.91 12.00 -12.78
C VAL A 113 -3.45 13.39 -12.45
N LEU A 114 -4.58 13.75 -13.07
CA LEU A 114 -5.21 15.03 -12.79
C LEU A 114 -5.65 15.13 -11.33
N ASN A 115 -6.18 14.03 -10.79
CA ASN A 115 -6.63 14.00 -9.41
C ASN A 115 -5.48 14.32 -8.45
N TYR A 116 -4.36 13.62 -8.60
CA TYR A 116 -3.23 13.85 -7.71
C TYR A 116 -2.50 15.15 -8.03
N LEU A 117 -2.63 15.69 -9.24
CA LEU A 117 -2.10 17.02 -9.53
C LEU A 117 -2.91 18.09 -8.83
N ASP A 118 -4.23 17.94 -8.80
CA ASP A 118 -5.08 18.93 -8.15
C ASP A 118 -5.00 18.80 -6.63
N ARG A 119 -4.76 17.59 -6.11
CA ARG A 119 -4.67 17.42 -4.67
C ARG A 119 -3.53 18.21 -4.06
N TYR A 120 -2.36 18.20 -4.68
CA TYR A 120 -1.17 18.84 -4.12
C TYR A 120 -0.87 20.20 -4.73
N THR A 121 -1.76 20.73 -5.57
CA THR A 121 -1.53 22.05 -6.15
C THR A 121 -1.49 23.13 -5.07
N VAL A 122 -2.26 22.94 -3.99
CA VAL A 122 -2.27 23.92 -2.91
C VAL A 122 -0.91 24.02 -2.25
N ALA A 123 -0.25 22.88 -2.01
CA ALA A 123 1.02 22.89 -1.29
C ALA A 123 2.08 23.70 -2.02
N GLY A 124 2.23 23.53 -3.33
CA GLY A 124 3.25 24.24 -4.07
C GLY A 124 3.08 25.74 -4.10
N VAL A 125 1.90 26.25 -3.74
CA VAL A 125 1.66 27.68 -3.68
C VAL A 125 1.25 28.04 -2.27
N LEU A 126 1.38 27.08 -1.34
CA LEU A 126 0.92 27.25 0.02
C LEU A 126 1.46 28.52 0.65
N LEU A 127 2.78 28.73 0.51
CA LEU A 127 3.39 29.95 1.03
C LEU A 127 2.65 31.19 0.55
N ASP A 128 2.43 31.29 -0.76
CA ASP A 128 1.71 32.45 -1.29
C ASP A 128 0.35 32.59 -0.63
N ILE A 129 -0.37 31.47 -0.48
CA ILE A 129 -1.66 31.52 0.19
C ILE A 129 -1.50 32.10 1.59
N GLN A 130 -0.53 31.59 2.34
CA GLN A 130 -0.30 32.09 3.69
C GLN A 130 0.08 33.56 3.66
N GLN A 131 0.75 34.00 2.60
CA GLN A 131 1.06 35.41 2.46
C GLN A 131 -0.17 36.20 2.00
N HIS A 132 -1.00 35.59 1.15
CA HIS A 132 -2.13 36.33 0.60
C HIS A 132 -3.20 36.58 1.66
N PHE A 133 -3.58 35.55 2.42
CA PHE A 133 -4.58 35.71 3.46
C PHE A 133 -4.01 36.25 4.76
N GLY A 134 -2.69 36.28 4.91
CA GLY A 134 -2.08 36.78 6.13
C GLY A 134 -2.48 36.01 7.37
N VAL A 135 -2.43 34.68 7.30
CA VAL A 135 -2.82 33.83 8.41
C VAL A 135 -1.59 33.09 8.94
N LYS A 136 -1.74 32.53 10.14
CA LYS A 136 -0.68 31.76 10.74
C LYS A 136 -0.59 30.37 10.09
N ASP A 137 0.39 29.59 10.54
CA ASP A 137 0.60 28.26 9.95
C ASP A 137 -0.52 27.29 10.31
N ARG A 138 -1.34 27.63 11.31
CA ARG A 138 -2.46 26.76 11.67
C ARG A 138 -3.42 26.60 10.51
N GLY A 139 -3.73 27.69 9.80
CA GLY A 139 -4.58 27.58 8.62
C GLY A 139 -3.95 26.80 7.49
N ALA A 140 -2.64 26.97 7.29
CA ALA A 140 -1.95 26.20 6.27
C ALA A 140 -2.04 24.71 6.56
N GLY A 141 -1.90 24.33 7.82
CA GLY A 141 -2.15 22.94 8.20
C GLY A 141 -3.61 22.56 8.01
N LEU A 142 -4.52 23.49 8.32
CA LEU A 142 -5.95 23.21 8.28
C LEU A 142 -6.40 22.85 6.88
N LEU A 143 -5.83 23.48 5.86
CA LEU A 143 -6.21 23.15 4.48
C LEU A 143 -6.09 21.65 4.23
N GLN A 144 -4.87 21.13 4.35
CA GLN A 144 -4.64 19.72 4.12
C GLN A 144 -5.38 18.84 5.12
N SER A 145 -5.46 19.27 6.38
CA SER A 145 -6.13 18.45 7.39
C SER A 145 -7.61 18.27 7.06
N VAL A 146 -8.30 19.35 6.70
CA VAL A 146 -9.71 19.25 6.33
C VAL A 146 -9.87 18.44 5.06
N PHE A 147 -8.98 18.63 4.09
CA PHE A 147 -9.05 17.84 2.87
C PHE A 147 -9.00 16.35 3.19
N ILE A 148 -8.01 15.93 3.97
CA ILE A 148 -7.84 14.51 4.25
C ILE A 148 -8.98 13.99 5.12
N CYS A 149 -9.45 14.80 6.07
CA CYS A 149 -10.56 14.37 6.92
C CYS A 149 -11.82 14.13 6.10
N SER A 150 -12.14 15.06 5.19
CA SER A 150 -13.29 14.85 4.33
C SER A 150 -13.09 13.63 3.43
N PHE A 151 -11.87 13.43 2.93
CA PHE A 151 -11.57 12.27 2.11
C PHE A 151 -11.86 10.97 2.86
N MET A 152 -11.35 10.86 4.09
CA MET A 152 -11.53 9.62 4.83
C MET A 152 -12.97 9.42 5.28
N VAL A 153 -13.69 10.51 5.56
CA VAL A 153 -15.10 10.37 5.89
C VAL A 153 -15.89 9.90 4.68
N ALA A 154 -15.60 10.45 3.50
CA ALA A 154 -16.41 10.15 2.33
C ALA A 154 -16.03 8.83 1.65
N ALA A 155 -14.83 8.32 1.90
CA ALA A 155 -14.38 7.13 1.19
C ALA A 155 -15.26 5.90 1.40
N PRO A 156 -15.60 5.49 2.62
CA PRO A 156 -16.46 4.30 2.76
C PRO A 156 -17.84 4.49 2.15
N ILE A 157 -18.39 5.70 2.22
CA ILE A 157 -19.73 5.96 1.68
C ILE A 157 -19.72 5.75 0.17
N PHE A 158 -18.73 6.32 -0.52
CA PHE A 158 -18.64 6.12 -1.96
C PHE A 158 -18.30 4.68 -2.30
N GLY A 159 -17.49 4.02 -1.48
CA GLY A 159 -17.22 2.61 -1.71
C GLY A 159 -18.47 1.77 -1.69
N TYR A 160 -19.35 2.01 -0.72
CA TYR A 160 -20.64 1.32 -0.72
C TYR A 160 -21.50 1.74 -1.89
N LEU A 161 -21.55 3.04 -2.18
CA LEU A 161 -22.47 3.56 -3.19
C LEU A 161 -22.10 3.09 -4.58
N GLY A 162 -20.84 2.74 -4.81
CA GLY A 162 -20.40 2.31 -6.12
C GLY A 162 -20.97 0.97 -6.56
N ASP A 163 -21.62 0.26 -5.64
CA ASP A 163 -22.26 -1.00 -5.97
C ASP A 163 -23.78 -0.87 -6.08
N ARG A 164 -24.31 0.35 -6.08
CA ARG A 164 -25.76 0.57 -6.14
C ARG A 164 -26.20 1.19 -7.45
N PHE A 165 -25.46 2.18 -7.95
CA PHE A 165 -25.83 2.88 -9.17
C PHE A 165 -24.74 2.70 -10.23
N ASN A 166 -24.88 3.42 -11.33
CA ASN A 166 -23.90 3.33 -12.41
C ASN A 166 -22.60 3.99 -11.97
N ARG A 167 -21.51 3.21 -12.00
CA ARG A 167 -20.22 3.71 -11.56
C ARG A 167 -19.73 4.85 -12.46
N LYS A 168 -19.95 4.71 -13.77
CA LYS A 168 -19.51 5.74 -14.70
C LYS A 168 -20.22 7.07 -14.41
N VAL A 169 -21.52 7.01 -14.11
CA VAL A 169 -22.27 8.21 -13.80
C VAL A 169 -21.72 8.88 -12.56
N ILE A 170 -21.46 8.11 -11.50
CA ILE A 170 -20.94 8.68 -10.27
C ILE A 170 -19.56 9.28 -10.49
N LEU A 171 -18.72 8.58 -11.24
CA LEU A 171 -17.38 9.08 -11.52
C LEU A 171 -17.42 10.39 -12.28
N SER A 172 -18.25 10.46 -13.33
CA SER A 172 -18.35 11.68 -14.12
C SER A 172 -18.92 12.82 -13.30
N CYS A 173 -19.91 12.53 -12.44
CA CYS A 173 -20.47 13.57 -11.59
C CYS A 173 -19.42 14.09 -10.62
N GLY A 174 -18.65 13.19 -10.01
CA GLY A 174 -17.66 13.61 -9.04
C GLY A 174 -16.55 14.43 -9.64
N ILE A 175 -16.07 14.04 -10.82
CA ILE A 175 -15.00 14.79 -11.47
C ILE A 175 -15.45 16.22 -11.77
N PHE A 176 -16.65 16.36 -12.34
CA PHE A 176 -17.18 17.68 -12.63
C PHE A 176 -17.39 18.48 -11.35
N PHE A 177 -17.90 17.82 -10.30
CA PHE A 177 -18.13 18.49 -9.03
C PHE A 177 -16.85 19.08 -8.49
N TRP A 178 -15.79 18.28 -8.41
CA TRP A 178 -14.55 18.77 -7.81
C TRP A 178 -13.88 19.81 -8.71
N SER A 179 -13.97 19.63 -10.02
CA SER A 179 -13.41 20.63 -10.94
C SER A 179 -14.11 21.98 -10.76
N ALA A 180 -15.44 21.96 -10.69
CA ALA A 180 -16.20 23.19 -10.52
C ALA A 180 -15.91 23.83 -9.16
N VAL A 181 -15.77 23.01 -8.11
CA VAL A 181 -15.48 23.55 -6.79
C VAL A 181 -14.11 24.22 -6.78
N THR A 182 -13.12 23.58 -7.40
CA THR A 182 -11.79 24.19 -7.48
C THR A 182 -11.83 25.50 -8.26
N PHE A 183 -12.53 25.50 -9.40
CA PHE A 183 -12.62 26.71 -10.22
C PHE A 183 -13.29 27.85 -9.46
N SER A 184 -14.36 27.54 -8.73
CA SER A 184 -15.04 28.56 -7.94
C SER A 184 -14.16 29.07 -6.82
N SER A 185 -13.44 28.16 -6.16
CA SER A 185 -12.53 28.57 -5.08
C SER A 185 -11.41 29.46 -5.62
N SER A 186 -11.06 29.31 -6.89
CA SER A 186 -10.03 30.14 -7.48
C SER A 186 -10.40 31.62 -7.55
N PHE A 187 -11.61 32.00 -7.13
CA PHE A 187 -12.04 33.40 -7.16
C PHE A 187 -12.52 33.88 -5.80
N ILE A 188 -12.10 33.24 -4.72
CA ILE A 188 -12.58 33.63 -3.38
C ILE A 188 -11.93 34.95 -2.98
N PRO A 189 -12.67 35.89 -2.40
CA PRO A 189 -12.06 37.14 -1.92
C PRO A 189 -11.10 36.88 -0.78
N GLN A 190 -10.17 37.83 -0.60
CA GLN A 190 -9.10 37.67 0.39
C GLN A 190 -9.65 37.58 1.80
N GLN A 191 -10.68 38.37 2.13
CA GLN A 191 -11.17 38.43 3.49
C GLN A 191 -11.74 37.08 3.95
N TYR A 192 -12.43 36.38 3.05
CA TYR A 192 -13.09 35.11 3.40
C TYR A 192 -12.09 33.98 3.20
N PHE A 193 -11.62 33.42 4.31
CA PHE A 193 -10.65 32.32 4.24
C PHE A 193 -11.32 30.96 4.37
N TRP A 194 -12.25 30.82 5.32
CA TRP A 194 -12.84 29.52 5.60
C TRP A 194 -13.61 28.97 4.41
N LEU A 195 -14.04 29.82 3.48
CA LEU A 195 -14.66 29.32 2.26
C LEU A 195 -13.68 28.49 1.45
N LEU A 196 -12.40 28.86 1.46
CA LEU A 196 -11.39 28.03 0.81
C LEU A 196 -11.29 26.67 1.47
N VAL A 197 -11.39 26.62 2.80
CA VAL A 197 -11.33 25.34 3.50
C VAL A 197 -12.54 24.48 3.15
N LEU A 198 -13.71 25.11 3.04
CA LEU A 198 -14.90 24.37 2.62
C LEU A 198 -14.74 23.83 1.20
N SER A 199 -14.13 24.64 0.32
CA SER A 199 -13.86 24.17 -1.03
C SER A 199 -12.90 22.98 -1.01
N ARG A 200 -11.90 23.03 -0.14
CA ARG A 200 -10.98 21.91 -0.01
C ARG A 200 -11.70 20.65 0.46
N GLY A 201 -12.65 20.81 1.38
CA GLY A 201 -13.46 19.69 1.81
C GLY A 201 -14.28 19.08 0.69
N LEU A 202 -14.91 19.94 -0.11
CA LEU A 202 -15.68 19.45 -1.25
C LEU A 202 -14.78 18.75 -2.25
N VAL A 203 -13.60 19.30 -2.49
CA VAL A 203 -12.60 18.70 -3.37
C VAL A 203 -12.23 17.33 -2.82
N GLY A 204 -12.12 17.23 -1.50
CA GLY A 204 -11.81 15.94 -0.89
C GLY A 204 -12.89 14.91 -1.14
N ILE A 205 -14.15 15.31 -1.01
CA ILE A 205 -15.25 14.40 -1.31
C ILE A 205 -15.19 13.95 -2.76
N GLY A 206 -15.00 14.90 -3.66
CA GLY A 206 -14.96 14.55 -5.09
C GLY A 206 -13.81 13.63 -5.43
N GLU A 207 -12.63 13.88 -4.86
CA GLU A 207 -11.48 13.03 -5.14
C GLU A 207 -11.64 11.65 -4.49
N ALA A 208 -12.30 11.61 -3.34
CA ALA A 208 -12.56 10.32 -2.70
C ALA A 208 -13.45 9.46 -3.57
N SER A 209 -14.47 10.07 -4.19
CA SER A 209 -15.32 9.32 -5.11
C SER A 209 -14.50 8.66 -6.20
N TYR A 210 -13.65 9.43 -6.87
CA TYR A 210 -12.82 8.90 -7.95
C TYR A 210 -11.89 7.81 -7.46
N SER A 211 -11.21 8.07 -6.34
CA SER A 211 -10.21 7.13 -5.84
C SER A 211 -10.84 5.81 -5.40
N THR A 212 -12.07 5.85 -4.89
CA THR A 212 -12.69 4.59 -4.47
C THR A 212 -13.51 3.94 -5.56
N ILE A 213 -13.74 4.64 -6.68
CA ILE A 213 -14.53 4.04 -7.76
C ILE A 213 -13.62 3.47 -8.85
N ALA A 214 -12.69 4.28 -9.37
CA ALA A 214 -11.92 3.93 -10.56
C ALA A 214 -11.22 2.58 -10.48
N PRO A 215 -10.56 2.22 -9.36
CA PRO A 215 -9.93 0.89 -9.29
C PRO A 215 -10.88 -0.26 -9.52
N THR A 216 -12.13 -0.14 -9.07
CA THR A 216 -13.11 -1.19 -9.33
C THR A 216 -13.39 -1.33 -10.82
N ILE A 217 -13.52 -0.19 -11.52
CA ILE A 217 -13.73 -0.22 -12.96
C ILE A 217 -12.55 -0.88 -13.65
N ILE A 218 -11.33 -0.51 -13.26
CA ILE A 218 -10.15 -1.10 -13.89
C ILE A 218 -10.07 -2.59 -13.64
N GLY A 219 -10.38 -3.02 -12.41
CA GLY A 219 -10.42 -4.45 -12.13
C GLY A 219 -11.47 -5.19 -12.91
N ASP A 220 -12.62 -4.55 -13.17
CA ASP A 220 -13.66 -5.20 -13.95
C ASP A 220 -13.29 -5.28 -15.43
N LEU A 221 -12.53 -4.30 -15.94
CA LEU A 221 -12.25 -4.26 -17.36
C LEU A 221 -11.41 -5.45 -17.82
N PHE A 222 -10.43 -5.85 -17.02
CA PHE A 222 -9.49 -6.90 -17.42
C PHE A 222 -9.39 -7.96 -16.33
N THR A 223 -9.27 -9.22 -16.76
CA THR A 223 -9.02 -10.32 -15.83
C THR A 223 -7.83 -11.16 -16.28
N LYS A 224 -6.63 -10.73 -15.94
CA LYS A 224 -5.39 -11.44 -16.27
C LYS A 224 -4.22 -10.75 -15.57
N ASN A 225 -3.00 -11.18 -15.88
CA ASN A 225 -1.83 -10.38 -15.50
C ASN A 225 -1.90 -8.99 -16.14
N THR A 226 -2.62 -8.85 -17.25
CA THR A 226 -2.85 -7.53 -17.82
C THR A 226 -3.62 -6.64 -16.86
N ARG A 227 -4.50 -7.22 -16.05
CA ARG A 227 -5.16 -6.43 -15.02
C ARG A 227 -4.16 -5.89 -14.01
N THR A 228 -3.19 -6.70 -13.61
CA THR A 228 -2.14 -6.24 -12.72
C THR A 228 -1.30 -5.15 -13.37
N LEU A 229 -0.98 -5.31 -14.66
CA LEU A 229 -0.23 -4.27 -15.36
C LEU A 229 -1.02 -2.96 -15.42
N MET A 230 -2.32 -3.04 -15.70
CA MET A 230 -3.15 -1.84 -15.75
C MET A 230 -3.22 -1.17 -14.39
N LEU A 231 -3.37 -1.96 -13.33
CA LEU A 231 -3.41 -1.42 -11.99
C LEU A 231 -2.08 -0.77 -11.63
N SER A 232 -0.97 -1.37 -12.05
CA SER A 232 0.35 -0.78 -11.81
C SER A 232 0.47 0.56 -12.53
N VAL A 233 0.00 0.62 -13.77
CA VAL A 233 0.03 1.88 -14.51
C VAL A 233 -0.82 2.93 -13.79
N PHE A 234 -2.01 2.54 -13.35
CA PHE A 234 -2.92 3.47 -12.69
C PHE A 234 -2.32 4.00 -11.39
N TYR A 235 -1.75 3.11 -10.58
CA TYR A 235 -1.20 3.52 -9.29
C TYR A 235 0.17 4.17 -9.40
N PHE A 236 0.88 3.97 -10.50
CA PHE A 236 2.10 4.73 -10.74
C PHE A 236 1.82 6.19 -11.08
N ALA A 237 0.56 6.53 -11.31
CA ALA A 237 0.18 7.91 -11.55
C ALA A 237 0.22 8.76 -10.28
N ILE A 238 0.39 8.16 -9.11
CA ILE A 238 0.40 8.91 -7.86
C ILE A 238 1.64 9.77 -7.74
N PRO A 239 2.87 9.22 -7.81
CA PRO A 239 4.04 10.10 -7.68
C PRO A 239 4.21 11.04 -8.85
N LEU A 240 3.90 10.58 -10.07
CA LEU A 240 3.95 11.47 -11.23
C LEU A 240 2.95 12.60 -11.06
N GLY A 241 1.75 12.29 -10.58
CA GLY A 241 0.75 13.33 -10.38
C GLY A 241 1.14 14.33 -9.31
N SER A 242 1.73 13.85 -8.22
CA SER A 242 2.18 14.76 -7.17
C SER A 242 3.29 15.67 -7.66
N GLY A 243 4.27 15.09 -8.37
CA GLY A 243 5.33 15.92 -8.92
C GLY A 243 4.81 16.93 -9.92
N LEU A 244 3.88 16.51 -10.79
CA LEU A 244 3.29 17.44 -11.74
C LEU A 244 2.47 18.51 -11.04
N GLY A 245 1.83 18.17 -9.92
CA GLY A 245 1.10 19.19 -9.18
C GLY A 245 2.02 20.26 -8.60
N TYR A 246 3.11 19.83 -7.98
CA TYR A 246 4.10 20.78 -7.49
C TYR A 246 4.63 21.65 -8.63
N ILE A 247 5.02 21.00 -9.74
CA ILE A 247 5.59 21.73 -10.87
C ILE A 247 4.59 22.70 -11.46
N THR A 248 3.33 22.27 -11.61
CA THR A 248 2.30 23.14 -12.18
C THR A 248 2.06 24.35 -11.29
N GLY A 249 1.91 24.13 -9.98
CA GLY A 249 1.70 25.26 -9.09
C GLY A 249 2.85 26.25 -9.15
N SER A 250 4.09 25.74 -9.04
CA SER A 250 5.24 26.64 -9.03
C SER A 250 5.38 27.37 -10.36
N SER A 251 5.28 26.66 -11.49
CA SER A 251 5.49 27.27 -12.78
C SER A 251 4.38 28.27 -13.11
N VAL A 252 3.14 27.94 -12.77
CA VAL A 252 2.05 28.87 -13.02
C VAL A 252 2.20 30.13 -12.17
N LYS A 253 2.58 29.97 -10.89
CA LYS A 253 2.84 31.15 -10.07
C LYS A 253 3.97 31.99 -10.66
N GLN A 254 5.02 31.34 -11.16
CA GLN A 254 6.14 32.06 -11.75
C GLN A 254 5.72 32.81 -13.01
N ALA A 255 4.92 32.18 -13.87
CA ALA A 255 4.60 32.74 -15.18
C ALA A 255 3.48 33.77 -15.15
N ALA A 256 2.46 33.57 -14.32
CA ALA A 256 1.32 34.48 -14.29
C ALA A 256 1.41 35.49 -13.15
N GLY A 257 2.36 35.34 -12.23
CA GLY A 257 2.51 36.30 -11.15
C GLY A 257 1.35 36.31 -10.17
N ASP A 258 0.57 35.23 -10.13
CA ASP A 258 -0.57 35.16 -9.20
C ASP A 258 -0.86 33.69 -8.93
N TRP A 259 -1.07 33.34 -7.66
CA TRP A 259 -1.32 31.95 -7.30
C TRP A 259 -2.69 31.48 -7.78
N HIS A 260 -3.66 32.38 -7.91
CA HIS A 260 -5.01 31.99 -8.31
C HIS A 260 -5.01 31.15 -9.58
N TRP A 261 -4.21 31.53 -10.58
CA TRP A 261 -4.17 30.81 -11.84
C TRP A 261 -3.87 29.33 -11.66
N ALA A 262 -3.09 28.96 -10.64
CA ALA A 262 -2.87 27.54 -10.37
C ALA A 262 -4.19 26.81 -10.16
N LEU A 263 -5.03 27.32 -9.26
CA LEU A 263 -6.32 26.70 -9.02
C LEU A 263 -7.25 26.79 -10.22
N ARG A 264 -6.80 27.41 -11.31
CA ARG A 264 -7.57 27.45 -12.55
C ARG A 264 -7.08 26.44 -13.58
N VAL A 265 -5.82 26.02 -13.49
CA VAL A 265 -5.25 25.18 -14.54
C VAL A 265 -5.84 23.79 -14.51
N SER A 266 -5.86 23.16 -13.34
CA SER A 266 -6.30 21.76 -13.25
C SER A 266 -7.76 21.56 -13.67
N PRO A 267 -8.73 22.35 -13.20
CA PRO A 267 -10.14 21.99 -13.49
C PRO A 267 -10.47 21.95 -14.97
N VAL A 268 -9.90 22.84 -15.78
CA VAL A 268 -10.24 22.88 -17.20
C VAL A 268 -9.94 21.55 -17.85
N LEU A 269 -8.72 21.02 -17.64
CA LEU A 269 -8.39 19.69 -18.16
C LEU A 269 -9.37 18.65 -17.66
N GLY A 270 -9.79 18.75 -16.40
CA GLY A 270 -10.77 17.81 -15.87
C GLY A 270 -12.05 17.83 -16.70
N MET A 271 -12.49 19.02 -17.11
CA MET A 271 -13.62 19.10 -18.02
C MET A 271 -13.38 18.28 -19.27
N ILE A 272 -12.23 18.49 -19.92
CA ILE A 272 -11.88 17.69 -21.09
C ILE A 272 -11.77 16.22 -20.70
N THR A 273 -11.36 15.95 -19.47
CA THR A 273 -11.39 14.57 -18.97
C THR A 273 -12.82 14.10 -18.73
N GLY A 274 -13.65 14.93 -18.09
CA GLY A 274 -14.95 14.46 -17.66
C GLY A 274 -15.81 13.98 -18.83
N THR A 275 -15.87 14.76 -19.89
CA THR A 275 -16.61 14.35 -21.08
C THR A 275 -16.15 12.98 -21.55
N LEU A 276 -14.83 12.75 -21.58
CA LEU A 276 -14.31 11.47 -22.02
C LEU A 276 -14.86 10.34 -21.15
N ILE A 277 -14.90 10.56 -19.84
CA ILE A 277 -15.44 9.54 -18.94
C ILE A 277 -16.89 9.24 -19.28
N LEU A 278 -17.66 10.25 -19.67
CA LEU A 278 -19.06 10.00 -20.00
C LEU A 278 -19.20 9.38 -21.39
N ILE A 279 -18.15 9.47 -22.21
CA ILE A 279 -18.26 9.04 -23.60
C ILE A 279 -17.47 7.76 -23.84
N LEU A 280 -16.16 7.83 -23.66
CA LEU A 280 -15.28 6.74 -24.10
C LEU A 280 -15.19 5.61 -23.06
N VAL A 281 -15.58 5.87 -21.82
CA VAL A 281 -15.57 4.82 -20.81
C VAL A 281 -16.79 3.93 -21.00
N PRO A 282 -16.62 2.64 -21.27
CA PRO A 282 -17.77 1.75 -21.44
C PRO A 282 -18.42 1.43 -20.10
N ALA A 283 -19.67 1.00 -20.18
CA ALA A 283 -20.43 0.60 -19.00
C ALA A 283 -20.32 -0.91 -18.85
N THR A 284 -19.68 -1.35 -17.77
CA THR A 284 -19.43 -2.77 -17.52
C THR A 284 -20.49 -3.30 -16.56
N LYS A 285 -21.29 -4.25 -17.03
CA LYS A 285 -22.31 -4.89 -16.21
C LYS A 285 -21.64 -6.03 -15.44
N ARG A 286 -20.97 -5.67 -14.35
CA ARG A 286 -20.24 -6.63 -13.53
C ARG A 286 -20.64 -6.47 -12.07
N GLY A 287 -20.59 -7.58 -11.34
CA GLY A 287 -20.95 -7.58 -9.94
C GLY A 287 -20.71 -8.93 -9.26
N LYS A 297 -27.52 -7.33 7.18
CA LYS A 297 -26.49 -8.35 6.99
C LYS A 297 -25.11 -7.71 6.84
N ALA A 298 -25.06 -6.61 6.09
CA ALA A 298 -23.78 -5.93 5.88
C ALA A 298 -23.21 -5.37 7.17
N ARG A 299 -24.06 -4.76 8.00
CA ARG A 299 -23.60 -4.19 9.26
C ARG A 299 -23.10 -5.27 10.20
N THR A 300 -23.84 -6.38 10.32
CA THR A 300 -23.42 -7.47 11.19
C THR A 300 -22.13 -8.10 10.68
N SER A 301 -22.00 -8.27 9.36
CA SER A 301 -20.78 -8.80 8.79
C SER A 301 -19.59 -7.89 9.09
N TRP A 302 -19.79 -6.59 8.95
CA TRP A 302 -18.73 -5.63 9.24
C TRP A 302 -18.32 -5.69 10.71
N LEU A 303 -19.30 -5.78 11.60
CA LEU A 303 -19.01 -5.88 13.03
C LEU A 303 -18.23 -7.14 13.36
N ARG A 304 -18.64 -8.27 12.77
CA ARG A 304 -17.91 -9.52 13.00
C ARG A 304 -16.48 -9.43 12.46
N ASP A 305 -16.32 -8.83 11.28
CA ASP A 305 -14.99 -8.67 10.71
C ASP A 305 -14.11 -7.80 11.59
N MET A 306 -14.66 -6.71 12.11
CA MET A 306 -13.89 -5.85 13.00
C MET A 306 -13.52 -6.57 14.29
N LYS A 307 -14.45 -7.33 14.85
CA LYS A 307 -14.18 -8.09 16.07
C LYS A 307 -13.08 -9.11 15.83
N ALA A 308 -13.10 -9.76 14.67
CA ALA A 308 -12.06 -10.73 14.33
C ALA A 308 -10.71 -10.07 14.10
N LEU A 309 -10.69 -8.90 13.44
CA LEU A 309 -9.43 -8.24 13.14
C LEU A 309 -8.81 -7.58 14.36
N ILE A 310 -9.63 -7.18 15.34
CA ILE A 310 -9.07 -6.64 16.57
C ILE A 310 -8.20 -7.67 17.27
N ARG A 311 -8.66 -8.92 17.31
CA ARG A 311 -7.87 -10.00 17.92
C ARG A 311 -6.59 -10.29 17.16
N ASN A 312 -6.51 -9.92 15.88
CA ASN A 312 -5.30 -10.12 15.10
C ASN A 312 -4.21 -9.15 15.57
N ARG A 313 -2.98 -9.64 15.62
CA ARG A 313 -1.87 -8.88 16.16
C ARG A 313 -1.05 -8.16 15.09
N SER A 314 -0.57 -8.89 14.08
CA SER A 314 0.27 -8.26 13.07
C SER A 314 -0.50 -7.23 12.26
N TYR A 315 -1.81 -7.44 12.08
CA TYR A 315 -2.61 -6.48 11.32
C TYR A 315 -2.66 -5.13 12.02
N VAL A 316 -2.83 -5.13 13.34
CA VAL A 316 -2.90 -3.86 14.08
C VAL A 316 -1.59 -3.12 14.00
N PHE A 317 -0.47 -3.83 14.16
CA PHE A 317 0.83 -3.18 14.09
C PHE A 317 1.14 -2.68 12.69
N SER A 318 0.72 -3.43 11.66
CA SER A 318 0.89 -2.95 10.30
C SER A 318 0.05 -1.70 10.05
N SER A 319 -1.17 -1.67 10.60
CA SER A 319 -2.00 -0.47 10.47
C SER A 319 -1.35 0.73 11.16
N LEU A 320 -0.79 0.51 12.34
CA LEU A 320 -0.10 1.60 13.03
C LEU A 320 1.12 2.07 12.24
N ALA A 321 1.87 1.13 11.66
CA ALA A 321 3.04 1.50 10.88
C ALA A 321 2.66 2.31 9.65
N THR A 322 1.62 1.87 8.93
CA THR A 322 1.22 2.62 7.75
C THR A 322 0.56 3.94 8.13
N SER A 323 -0.04 4.02 9.32
CA SER A 323 -0.52 5.31 9.81
C SER A 323 0.63 6.27 10.07
N ALA A 324 1.72 5.76 10.65
CA ALA A 324 2.90 6.59 10.84
C ALA A 324 3.50 7.02 9.51
N VAL A 325 3.51 6.12 8.53
CA VAL A 325 4.02 6.45 7.20
C VAL A 325 3.17 7.55 6.58
N SER A 326 1.85 7.43 6.68
CA SER A 326 0.96 8.45 6.15
C SER A 326 1.16 9.77 6.86
N PHE A 327 1.35 9.74 8.18
CA PHE A 327 1.64 10.96 8.94
C PHE A 327 2.88 11.64 8.39
N ALA A 328 3.97 10.90 8.25
CA ALA A 328 5.21 11.47 7.78
C ALA A 328 5.06 12.02 6.37
N THR A 329 4.45 11.25 5.47
CA THR A 329 4.31 11.68 4.08
C THR A 329 3.47 12.94 3.99
N GLY A 330 2.32 12.97 4.67
CA GLY A 330 1.48 14.15 4.62
C GLY A 330 2.18 15.38 5.18
N ALA A 331 2.76 15.26 6.37
CA ALA A 331 3.40 16.41 7.00
C ALA A 331 4.55 16.94 6.14
N LEU A 332 5.41 16.04 5.65
CA LEU A 332 6.55 16.49 4.86
C LEU A 332 6.10 17.06 3.52
N GLY A 333 5.25 16.33 2.79
CA GLY A 333 4.79 16.83 1.51
C GLY A 333 4.02 18.13 1.62
N MET A 334 3.50 18.44 2.80
CA MET A 334 2.81 19.70 2.99
C MET A 334 3.74 20.84 3.39
N TRP A 335 4.75 20.57 4.22
CA TRP A 335 5.53 21.65 4.82
C TRP A 335 6.94 21.82 4.28
N ILE A 336 7.47 20.85 3.52
CA ILE A 336 8.85 20.90 3.05
C ILE A 336 9.10 22.09 2.13
N PRO A 337 8.27 22.36 1.11
CA PRO A 337 8.55 23.54 0.27
C PRO A 337 8.57 24.85 1.04
N LEU A 338 7.65 25.02 1.99
CA LEU A 338 7.65 26.23 2.80
C LEU A 338 8.90 26.31 3.67
N TYR A 339 9.31 25.18 4.24
CA TYR A 339 10.52 25.16 5.06
C TYR A 339 11.75 25.51 4.23
N LEU A 340 11.85 24.98 3.02
CA LEU A 340 12.98 25.28 2.16
C LEU A 340 12.96 26.75 1.73
N HIS A 341 11.78 27.30 1.47
CA HIS A 341 11.70 28.72 1.14
C HIS A 341 12.17 29.57 2.31
N ARG A 342 11.74 29.22 3.53
CA ARG A 342 12.20 29.96 4.70
C ARG A 342 13.70 29.85 4.88
N ALA A 343 14.25 28.66 4.65
CA ALA A 343 15.69 28.48 4.77
C ALA A 343 16.43 29.33 3.75
N GLN A 344 15.94 29.38 2.51
CA GLN A 344 16.54 30.24 1.51
C GLN A 344 16.44 31.71 1.90
N VAL A 345 15.33 32.08 2.54
CA VAL A 345 15.18 33.46 3.01
C VAL A 345 16.23 33.78 4.07
N VAL A 346 16.39 32.90 5.07
CA VAL A 346 17.39 33.13 6.10
C VAL A 346 18.81 32.94 5.59
N GLN A 347 18.99 32.17 4.51
CA GLN A 347 20.31 31.98 3.95
C GLN A 347 20.87 33.31 3.44
N LYS A 348 22.20 33.41 3.48
CA LYS A 348 22.86 34.65 3.06
C LYS A 348 22.56 34.97 1.60
N THR A 349 22.58 33.96 0.74
CA THR A 349 22.21 34.15 -0.65
C THR A 349 20.73 34.47 -0.76
N ALA A 350 20.40 35.45 -1.59
CA ALA A 350 19.02 35.93 -1.74
C ALA A 350 18.37 35.23 -2.93
N GLU A 351 17.16 34.71 -2.71
CA GLU A 351 16.42 34.04 -3.77
C GLU A 351 15.60 35.04 -4.57
N GLY A 359 10.06 31.48 -4.57
CA GLY A 359 10.87 30.27 -4.67
C GLY A 359 10.23 29.20 -5.54
N ALA A 360 9.88 29.58 -6.77
CA ALA A 360 9.26 28.63 -7.70
C ALA A 360 10.22 27.51 -8.07
N LYS A 361 11.51 27.85 -8.25
CA LYS A 361 12.50 26.85 -8.61
C LYS A 361 12.62 25.78 -7.53
N ASP A 362 12.49 26.17 -6.26
CA ASP A 362 12.56 25.22 -5.17
C ASP A 362 11.44 24.19 -5.27
N SER A 363 10.22 24.67 -5.52
CA SER A 363 9.08 23.77 -5.66
C SER A 363 9.21 22.90 -6.90
N LEU A 364 9.75 23.46 -7.99
CA LEU A 364 9.99 22.69 -9.20
C LEU A 364 10.94 21.53 -8.92
N ILE A 365 12.07 21.83 -8.27
CA ILE A 365 13.03 20.80 -7.93
C ILE A 365 12.41 19.76 -7.03
N PHE A 366 11.64 20.20 -6.02
CA PHE A 366 11.03 19.26 -5.10
C PHE A 366 10.05 18.34 -5.83
N GLY A 367 9.26 18.88 -6.75
CA GLY A 367 8.31 18.05 -7.47
C GLY A 367 8.99 17.04 -8.38
N ALA A 368 10.02 17.48 -9.11
CA ALA A 368 10.75 16.56 -9.97
C ALA A 368 11.41 15.46 -9.15
N ILE A 369 12.05 15.83 -8.04
CA ILE A 369 12.65 14.84 -7.15
C ILE A 369 11.57 13.90 -6.60
N THR A 370 10.40 14.43 -6.29
CA THR A 370 9.33 13.60 -5.75
C THR A 370 8.90 12.53 -6.76
N CYS A 371 8.70 12.93 -8.02
CA CYS A 371 8.31 11.95 -9.03
C CYS A 371 9.40 10.91 -9.26
N PHE A 372 10.64 11.37 -9.46
CA PHE A 372 11.73 10.45 -9.75
C PHE A 372 11.97 9.51 -8.58
N THR A 373 11.94 10.04 -7.35
CA THR A 373 12.14 9.22 -6.17
C THR A 373 10.98 8.26 -5.94
N GLY A 374 9.75 8.67 -6.26
CA GLY A 374 8.65 7.73 -6.15
C GLY A 374 8.84 6.52 -7.04
N PHE A 375 9.17 6.77 -8.31
CA PHE A 375 9.40 5.66 -9.23
C PHE A 375 10.56 4.79 -8.75
N LEU A 376 11.70 5.42 -8.46
CA LEU A 376 12.89 4.66 -8.06
C LEU A 376 12.65 3.89 -6.77
N GLY A 377 11.97 4.51 -5.80
CA GLY A 377 11.73 3.86 -4.53
C GLY A 377 10.78 2.68 -4.66
N VAL A 378 9.72 2.82 -5.46
CA VAL A 378 8.83 1.68 -5.68
C VAL A 378 9.60 0.53 -6.30
N VAL A 379 10.41 0.82 -7.33
CA VAL A 379 11.17 -0.25 -7.98
C VAL A 379 12.16 -0.88 -7.01
N THR A 380 12.89 -0.07 -6.24
CA THR A 380 13.89 -0.61 -5.33
C THR A 380 13.25 -1.40 -4.21
N GLY A 381 12.12 -0.94 -3.68
CA GLY A 381 11.43 -1.70 -2.65
C GLY A 381 10.94 -3.04 -3.16
N ALA A 382 10.36 -3.06 -4.37
CA ALA A 382 9.93 -4.33 -4.95
C ALA A 382 11.12 -5.27 -5.14
N GLY A 383 12.23 -4.75 -5.68
CA GLY A 383 13.39 -5.58 -5.89
C GLY A 383 13.99 -6.11 -4.60
N ALA A 384 14.06 -5.25 -3.57
CA ALA A 384 14.58 -5.69 -2.28
C ALA A 384 13.69 -6.75 -1.66
N THR A 385 12.37 -6.60 -1.77
CA THR A 385 11.48 -7.64 -1.29
C THR A 385 11.70 -8.95 -2.03
N ARG A 386 11.86 -8.89 -3.37
CA ARG A 386 12.10 -10.10 -4.13
C ARG A 386 13.39 -10.78 -3.70
N TRP A 387 14.44 -9.99 -3.49
CA TRP A 387 15.74 -10.57 -3.18
C TRP A 387 15.82 -11.04 -1.72
N CYS A 388 15.03 -10.45 -0.84
CA CYS A 388 15.04 -10.81 0.57
C CYS A 388 14.05 -11.92 0.91
N ARG A 389 13.07 -12.19 0.04
CA ARG A 389 12.19 -13.32 0.28
C ARG A 389 12.93 -14.65 0.29
N LEU A 390 14.08 -14.73 -0.39
CA LEU A 390 14.81 -15.99 -0.49
C LEU A 390 15.60 -16.31 0.77
N LYS A 391 15.67 -15.40 1.73
CA LYS A 391 16.45 -15.63 2.94
C LYS A 391 15.61 -15.86 4.18
N THR A 392 14.44 -15.25 4.28
CA THR A 392 13.56 -15.48 5.42
C THR A 392 12.14 -15.11 5.03
N GLN A 393 11.17 -15.68 5.76
CA GLN A 393 9.78 -15.42 5.45
C GLN A 393 9.31 -14.07 5.98
N ARG A 394 10.06 -13.46 6.89
CA ARG A 394 9.72 -12.16 7.44
C ARG A 394 10.30 -11.01 6.63
N ALA A 395 10.56 -11.23 5.34
CA ALA A 395 11.22 -10.24 4.51
C ALA A 395 10.37 -8.98 4.35
N ASP A 396 9.07 -9.15 4.09
CA ASP A 396 8.23 -8.00 3.76
C ASP A 396 8.19 -6.95 4.86
N PRO A 397 7.95 -7.30 6.14
CA PRO A 397 7.96 -6.25 7.17
C PRO A 397 9.34 -5.68 7.42
N LEU A 398 10.33 -6.56 7.60
CA LEU A 398 11.66 -6.12 8.01
C LEU A 398 12.24 -5.12 7.02
N VAL A 399 12.12 -5.43 5.73
CA VAL A 399 12.60 -4.53 4.69
C VAL A 399 11.95 -3.18 4.88
N CYS A 400 10.62 -3.19 5.05
CA CYS A 400 9.89 -1.96 5.34
C CYS A 400 10.49 -1.26 6.55
N ALA A 401 10.70 -2.01 7.63
CA ALA A 401 11.34 -1.43 8.82
C ALA A 401 12.65 -0.77 8.45
N VAL A 402 13.49 -1.47 7.68
CA VAL A 402 14.76 -0.89 7.26
C VAL A 402 14.51 0.43 6.55
N GLY A 403 13.56 0.44 5.60
CA GLY A 403 13.25 1.67 4.91
C GLY A 403 12.89 2.78 5.87
N MET A 404 12.06 2.48 6.86
CA MET A 404 11.73 3.48 7.87
C MET A 404 13.00 4.02 8.52
N LEU A 405 13.85 3.12 9.00
CA LEU A 405 15.13 3.58 9.55
C LEU A 405 15.93 4.31 8.49
N GLY A 406 15.95 3.76 7.27
CA GLY A 406 16.66 4.41 6.19
C GLY A 406 16.16 5.82 5.95
N SER A 407 14.86 6.06 6.16
CA SER A 407 14.36 7.42 6.06
C SER A 407 14.81 8.26 7.25
N ALA A 408 14.66 7.71 8.47
CA ALA A 408 14.81 8.53 9.66
C ALA A 408 16.20 9.14 9.76
N ILE A 409 17.23 8.30 9.64
CA ILE A 409 18.60 8.78 9.75
C ILE A 409 18.89 9.84 8.70
N PHE A 410 18.20 9.76 7.56
CA PHE A 410 18.37 10.79 6.55
C PHE A 410 17.48 12.00 6.82
N ILE A 411 16.26 11.78 7.31
CA ILE A 411 15.36 12.91 7.51
C ILE A 411 15.93 13.87 8.55
N CYS A 412 16.33 13.34 9.70
CA CYS A 412 17.00 14.18 10.70
C CYS A 412 18.18 14.90 10.07
N LEU A 413 18.84 14.25 9.11
CA LEU A 413 20.00 14.84 8.47
C LEU A 413 19.67 16.22 7.89
N ILE A 414 18.53 16.37 7.23
CA ILE A 414 18.21 17.65 6.62
C ILE A 414 18.04 18.71 7.71
N PHE A 415 17.46 18.32 8.85
CA PHE A 415 17.27 19.27 9.94
C PHE A 415 18.59 19.70 10.55
N VAL A 416 19.67 18.98 10.27
CA VAL A 416 21.00 19.41 10.71
C VAL A 416 21.77 20.02 9.53
N ALA A 417 21.30 19.79 8.31
CA ALA A 417 22.00 20.26 7.12
C ALA A 417 21.29 21.38 6.40
N ALA A 418 20.07 21.73 6.80
CA ALA A 418 19.34 22.80 6.13
C ALA A 418 20.03 24.14 6.31
N LYS A 419 20.55 24.43 7.49
CA LYS A 419 21.20 25.71 7.74
C LYS A 419 22.54 25.84 7.04
N SER A 420 23.07 24.75 6.49
CA SER A 420 24.38 24.80 5.84
C SER A 420 24.26 25.15 4.35
N SER A 421 23.55 24.32 3.59
CA SER A 421 23.40 24.55 2.16
C SER A 421 22.16 23.83 1.66
N ILE A 422 21.67 24.28 0.51
CA ILE A 422 20.45 23.73 -0.07
C ILE A 422 20.72 22.40 -0.76
N VAL A 423 21.90 22.23 -1.35
CA VAL A 423 22.21 21.00 -2.07
C VAL A 423 22.19 19.80 -1.11
N GLY A 424 22.78 19.97 0.07
CA GLY A 424 22.71 18.92 1.06
C GLY A 424 21.29 18.59 1.47
N ALA A 425 20.46 19.62 1.59
CA ALA A 425 19.05 19.40 1.91
C ALA A 425 18.35 18.60 0.82
N TYR A 426 18.61 18.92 -0.44
CA TYR A 426 17.95 18.22 -1.53
C TYR A 426 18.44 16.78 -1.66
N ILE A 427 19.72 16.55 -1.36
CA ILE A 427 20.22 15.17 -1.36
C ILE A 427 19.51 14.34 -0.30
N CYS A 428 19.35 14.90 0.89
CA CYS A 428 18.62 14.20 1.94
C CYS A 428 17.17 13.98 1.54
N ILE A 429 16.56 14.97 0.89
CA ILE A 429 15.18 14.81 0.42
C ILE A 429 15.10 13.64 -0.56
N PHE A 430 16.04 13.57 -1.51
CA PHE A 430 16.05 12.49 -2.49
C PHE A 430 16.13 11.13 -1.80
N VAL A 431 17.12 10.96 -0.93
CA VAL A 431 17.33 9.65 -0.30
C VAL A 431 16.15 9.29 0.59
N GLY A 432 15.68 10.24 1.40
CA GLY A 432 14.56 9.96 2.28
C GLY A 432 13.28 9.65 1.53
N GLU A 433 13.01 10.38 0.45
CA GLU A 433 11.85 10.09 -0.37
C GLU A 433 11.92 8.68 -0.95
N THR A 434 13.08 8.30 -1.48
CA THR A 434 13.21 6.95 -2.03
C THR A 434 12.94 5.90 -0.97
N LEU A 435 13.63 6.00 0.18
CA LEU A 435 13.53 4.95 1.19
C LEU A 435 12.14 4.94 1.83
N LEU A 436 11.47 6.09 1.89
CA LEU A 436 10.13 6.15 2.46
C LEU A 436 9.09 5.59 1.51
N PHE A 437 9.21 5.92 0.22
CA PHE A 437 8.25 5.47 -0.78
C PHE A 437 8.43 3.99 -1.07
N SER A 438 9.56 3.43 -0.63
CA SER A 438 9.77 1.99 -0.83
C SER A 438 8.70 1.11 -0.17
N ASN A 439 7.96 1.62 0.82
CA ASN A 439 7.05 0.77 1.57
C ASN A 439 5.67 0.63 0.94
N TRP A 440 5.35 1.45 -0.07
CA TRP A 440 4.00 1.48 -0.60
C TRP A 440 3.60 0.14 -1.20
N ALA A 441 4.45 -0.44 -2.04
CA ALA A 441 4.12 -1.71 -2.67
C ALA A 441 4.08 -2.84 -1.64
N ILE A 442 4.97 -2.79 -0.65
CA ILE A 442 5.10 -3.91 0.27
C ILE A 442 3.99 -3.93 1.31
N THR A 443 3.41 -2.77 1.64
CA THR A 443 2.36 -2.75 2.66
C THR A 443 1.15 -3.56 2.25
N ALA A 444 0.75 -3.46 0.98
CA ALA A 444 -0.39 -4.23 0.50
C ALA A 444 -0.14 -5.72 0.58
N ASP A 445 1.08 -6.16 0.24
CA ASP A 445 1.41 -7.58 0.35
C ASP A 445 1.40 -8.02 1.81
N ILE A 446 1.91 -7.19 2.71
CA ILE A 446 1.91 -7.50 4.14
C ILE A 446 0.48 -7.71 4.59
N LEU A 447 -0.42 -6.84 4.13
CA LEU A 447 -1.83 -6.97 4.52
C LEU A 447 -2.47 -8.22 3.94
N MET A 448 -2.28 -8.48 2.64
CA MET A 448 -2.95 -9.61 2.02
C MET A 448 -2.38 -10.95 2.49
N TYR A 449 -1.17 -10.94 3.04
CA TYR A 449 -0.55 -12.18 3.50
C TYR A 449 -1.18 -12.69 4.80
N VAL A 450 -1.76 -11.80 5.60
CA VAL A 450 -2.25 -12.19 6.92
C VAL A 450 -3.76 -12.37 6.93
N VAL A 451 -4.50 -11.42 6.42
CA VAL A 451 -5.97 -11.45 6.49
C VAL A 451 -6.49 -12.43 5.44
N ILE A 452 -7.44 -13.26 5.86
CA ILE A 452 -8.02 -14.28 4.98
C ILE A 452 -8.86 -13.59 3.90
N PRO A 453 -9.05 -14.21 2.74
CA PRO A 453 -9.75 -13.51 1.64
C PRO A 453 -11.19 -13.14 1.96
N THR A 454 -11.83 -13.80 2.94
CA THR A 454 -13.20 -13.44 3.29
C THR A 454 -13.27 -12.02 3.83
N ARG A 455 -12.32 -11.62 4.65
CA ARG A 455 -12.34 -10.32 5.28
C ARG A 455 -11.35 -9.32 4.69
N ARG A 456 -10.80 -9.60 3.50
CA ARG A 456 -9.79 -8.72 2.94
C ARG A 456 -10.34 -7.34 2.60
N ALA A 457 -11.55 -7.27 2.04
CA ALA A 457 -12.11 -5.98 1.66
C ALA A 457 -12.34 -5.10 2.89
N THR A 458 -12.92 -5.68 3.93
CA THR A 458 -13.12 -4.94 5.17
C THR A 458 -11.80 -4.54 5.80
N ALA A 459 -10.80 -5.43 5.74
CA ALA A 459 -9.49 -5.10 6.29
C ALA A 459 -8.86 -3.92 5.55
N VAL A 460 -8.96 -3.91 4.22
CA VAL A 460 -8.41 -2.81 3.44
C VAL A 460 -9.13 -1.51 3.78
N ALA A 461 -10.46 -1.55 3.84
CA ALA A 461 -11.21 -0.33 4.14
C ALA A 461 -10.86 0.21 5.51
N LEU A 462 -10.82 -0.66 6.53
CA LEU A 462 -10.52 -0.21 7.87
C LEU A 462 -9.08 0.27 8.00
N GLN A 463 -8.14 -0.39 7.32
CA GLN A 463 -6.75 0.07 7.35
C GLN A 463 -6.61 1.44 6.72
N SER A 464 -7.27 1.68 5.58
CA SER A 464 -7.23 3.01 4.97
C SER A 464 -7.85 4.05 5.90
N PHE A 465 -8.98 3.70 6.51
CA PHE A 465 -9.64 4.62 7.43
C PHE A 465 -8.73 4.99 8.60
N THR A 466 -8.11 3.99 9.21
CA THR A 466 -7.25 4.23 10.37
C THR A 466 -6.00 5.01 9.97
N SER A 467 -5.41 4.67 8.83
CA SER A 467 -4.21 5.37 8.37
C SER A 467 -4.51 6.83 8.10
N HIS A 468 -5.65 7.12 7.48
CA HIS A 468 -6.02 8.51 7.28
C HIS A 468 -6.32 9.22 8.59
N LEU A 469 -7.00 8.55 9.52
CA LEU A 469 -7.41 9.20 10.76
C LEU A 469 -6.21 9.50 11.65
N LEU A 470 -5.48 8.46 12.08
CA LEU A 470 -4.37 8.67 12.99
C LEU A 470 -3.19 9.36 12.33
N GLY A 471 -3.16 9.40 11.00
CA GLY A 471 -2.02 9.92 10.29
C GLY A 471 -2.25 11.24 9.58
N ASP A 472 -2.49 11.16 8.27
CA ASP A 472 -2.50 12.35 7.42
C ASP A 472 -3.54 13.37 7.85
N ALA A 473 -4.58 12.96 8.57
CA ALA A 473 -5.65 13.88 8.95
C ALA A 473 -5.12 15.00 9.84
N GLY A 474 -4.30 14.68 10.82
CA GLY A 474 -3.89 15.66 11.80
C GLY A 474 -2.47 16.18 11.66
N SER A 475 -1.68 15.57 10.78
CA SER A 475 -0.26 15.92 10.69
C SER A 475 -0.02 17.38 10.33
N PRO A 476 -0.62 17.92 9.26
CA PRO A 476 -0.34 19.33 8.94
C PRO A 476 -0.84 20.29 10.01
N TYR A 477 -2.04 20.07 10.53
CA TYR A 477 -2.54 20.95 11.59
C TYR A 477 -1.69 20.84 12.85
N LEU A 478 -1.25 19.63 13.19
CA LEU A 478 -0.40 19.47 14.37
C LEU A 478 0.93 20.17 14.18
N ILE A 479 1.52 20.07 12.98
CA ILE A 479 2.78 20.76 12.72
C ILE A 479 2.59 22.27 12.81
N GLY A 480 1.51 22.79 12.24
CA GLY A 480 1.24 24.22 12.35
C GLY A 480 1.02 24.66 13.78
N PHE A 481 0.32 23.85 14.57
CA PHE A 481 0.07 24.19 15.97
C PHE A 481 1.37 24.22 16.76
N ILE A 482 2.24 23.23 16.53
CA ILE A 482 3.54 23.21 17.20
C ILE A 482 4.36 24.43 16.80
N SER A 483 4.36 24.77 15.50
CA SER A 483 5.09 25.93 15.04
C SER A 483 4.58 27.21 15.69
N ASP A 484 3.26 27.37 15.77
CA ASP A 484 2.71 28.56 16.41
C ASP A 484 3.07 28.63 17.89
N LEU A 485 2.99 27.50 18.58
CA LEU A 485 3.31 27.49 20.01
C LEU A 485 4.78 27.84 20.23
N ILE A 486 5.67 27.30 19.40
CA ILE A 486 7.09 27.62 19.55
C ILE A 486 7.35 29.08 19.22
N ARG A 487 6.68 29.60 18.19
CA ARG A 487 6.95 30.95 17.73
C ARG A 487 6.42 32.00 18.69
N GLN A 488 5.26 31.73 19.31
CA GLN A 488 4.65 32.72 20.19
C GLN A 488 5.51 33.01 21.41
N SER A 489 6.27 32.03 21.88
CA SER A 489 7.11 32.19 23.05
C SER A 489 8.49 32.75 22.74
N THR A 490 8.76 33.05 21.47
CA THR A 490 10.07 33.54 21.06
C THR A 490 9.91 34.82 20.24
N LYS A 491 11.04 35.51 20.04
CA LYS A 491 11.03 36.75 19.28
C LYS A 491 10.66 36.50 17.83
N ASP A 492 10.00 37.48 17.23
CA ASP A 492 9.53 37.37 15.86
C ASP A 492 10.62 37.81 14.89
N SER A 493 11.09 36.87 14.06
CA SER A 493 12.11 37.15 13.05
C SER A 493 12.14 36.00 12.05
N PRO A 494 12.53 36.25 10.79
CA PRO A 494 12.55 35.16 9.79
C PRO A 494 13.41 33.99 10.20
N LEU A 495 14.55 34.25 10.83
CA LEU A 495 15.38 33.17 11.37
C LEU A 495 14.59 32.35 12.39
N TRP A 496 13.84 33.03 13.25
CA TRP A 496 13.01 32.32 14.20
C TRP A 496 11.91 31.54 13.52
N GLU A 497 11.33 32.07 12.44
CA GLU A 497 10.32 31.31 11.70
C GLU A 497 10.91 30.01 11.16
N PHE A 498 12.07 30.10 10.52
CA PHE A 498 12.71 28.92 9.97
C PHE A 498 13.09 27.91 11.05
N LEU A 499 13.67 28.40 12.14
CA LEU A 499 14.06 27.50 13.23
C LEU A 499 12.85 26.84 13.87
N SER A 500 11.76 27.58 14.06
CA SER A 500 10.55 27.03 14.64
C SER A 500 9.96 25.96 13.73
N LEU A 501 9.94 26.22 12.42
CA LEU A 501 9.41 25.22 11.50
C LEU A 501 10.28 23.97 11.50
N GLY A 502 11.61 24.13 11.59
CA GLY A 502 12.48 22.98 11.68
C GLY A 502 12.24 22.17 12.93
N TYR A 503 12.14 22.85 14.08
CA TYR A 503 11.86 22.16 15.33
C TYR A 503 10.49 21.48 15.33
N ALA A 504 9.51 22.05 14.62
CA ALA A 504 8.22 21.40 14.52
C ALA A 504 8.29 20.17 13.63
N LEU A 505 8.94 20.28 12.48
CA LEU A 505 9.11 19.12 11.60
C LEU A 505 9.98 18.06 12.22
N MET A 506 10.74 18.39 13.27
CA MET A 506 11.51 17.38 14.00
C MET A 506 10.64 16.27 14.56
N LEU A 507 9.34 16.49 14.73
CA LEU A 507 8.45 15.43 15.20
C LEU A 507 8.21 14.36 14.16
N CYS A 508 8.57 14.59 12.89
CA CYS A 508 8.34 13.61 11.84
C CYS A 508 9.25 12.39 11.97
N PRO A 509 10.57 12.55 12.11
CA PRO A 509 11.42 11.36 12.27
C PRO A 509 11.10 10.53 13.50
N PHE A 510 10.61 11.14 14.58
CA PHE A 510 10.22 10.36 15.74
C PHE A 510 9.07 9.42 15.41
N VAL A 511 8.07 9.93 14.69
CA VAL A 511 6.96 9.09 14.25
C VAL A 511 7.44 8.05 13.24
N VAL A 512 8.42 8.42 12.40
CA VAL A 512 8.98 7.45 11.46
C VAL A 512 9.61 6.29 12.21
N VAL A 513 10.39 6.59 13.25
CA VAL A 513 11.03 5.54 14.05
C VAL A 513 9.98 4.70 14.77
N LEU A 514 8.92 5.34 15.26
CA LEU A 514 7.85 4.57 15.89
C LEU A 514 7.20 3.62 14.90
N GLY A 515 6.98 4.08 13.66
CA GLY A 515 6.45 3.21 12.63
C GLY A 515 7.38 2.08 12.29
N GLY A 516 8.68 2.35 12.29
CA GLY A 516 9.67 1.31 12.08
C GLY A 516 9.60 0.24 13.14
N MET A 517 9.47 0.67 14.41
CA MET A 517 9.30 -0.29 15.49
C MET A 517 8.01 -1.09 15.34
N PHE A 518 6.94 -0.44 14.87
CA PHE A 518 5.70 -1.17 14.61
C PHE A 518 5.89 -2.20 13.51
N PHE A 519 6.65 -1.86 12.47
CA PHE A 519 6.96 -2.82 11.42
C PHE A 519 7.77 -3.99 11.97
N LEU A 520 8.69 -3.69 12.89
CA LEU A 520 9.49 -4.74 13.52
C LEU A 520 8.58 -5.69 14.32
N ALA A 521 7.61 -5.13 15.05
CA ALA A 521 6.67 -5.97 15.78
C ALA A 521 5.83 -6.81 14.82
N THR A 522 5.43 -6.21 13.69
CA THR A 522 4.70 -6.97 12.68
C THR A 522 5.54 -8.13 12.17
N ALA A 523 6.83 -7.91 11.95
CA ALA A 523 7.72 -8.99 11.56
C ALA A 523 7.82 -10.05 12.64
N LEU A 524 7.81 -9.65 13.91
CA LEU A 524 7.84 -10.62 15.00
C LEU A 524 6.61 -11.52 15.01
N PHE A 525 5.42 -10.93 14.77
CA PHE A 525 4.18 -11.70 14.83
C PHE A 525 3.72 -12.25 13.48
N PHE A 526 4.48 -12.02 12.41
CA PHE A 526 4.12 -12.41 11.05
C PHE A 526 3.81 -13.89 10.92
N VAL A 527 4.72 -14.76 11.36
CA VAL A 527 4.53 -16.19 11.16
C VAL A 527 3.39 -16.72 12.01
N SER A 528 3.29 -16.25 13.26
CA SER A 528 2.20 -16.70 14.12
C SER A 528 0.85 -16.31 13.53
N ASP A 529 0.71 -15.08 13.04
CA ASP A 529 -0.54 -14.68 12.43
C ASP A 529 -0.82 -15.40 11.12
N ARG A 530 0.21 -15.69 10.33
CA ARG A 530 0.00 -16.49 9.12
C ARG A 530 -0.52 -17.88 9.47
N ALA A 531 0.06 -18.50 10.50
CA ALA A 531 -0.42 -19.81 10.92
C ALA A 531 -1.86 -19.75 11.42
N ARG A 532 -2.19 -18.72 12.19
CA ARG A 532 -3.57 -18.55 12.66
C ARG A 532 -4.52 -18.40 11.47
N ALA A 533 -4.13 -17.61 10.47
CA ALA A 533 -4.97 -17.38 9.31
C ALA A 533 -5.21 -18.67 8.54
N GLU A 534 -4.13 -19.42 8.28
CA GLU A 534 -4.29 -20.67 7.54
C GLU A 534 -5.11 -21.68 8.32
N GLN A 535 -4.91 -21.77 9.63
CA GLN A 535 -5.72 -22.68 10.44
C GLN A 535 -7.19 -22.29 10.40
N GLN A 536 -7.49 -20.99 10.50
CA GLN A 536 -8.88 -20.56 10.43
C GLN A 536 -9.49 -20.82 9.06
N VAL A 537 -8.72 -20.63 7.99
CA VAL A 537 -9.23 -20.89 6.65
C VAL A 537 -9.55 -22.38 6.48
N ASN A 538 -8.64 -23.24 6.92
CA ASN A 538 -8.86 -24.67 6.78
C ASN A 538 -9.82 -25.24 7.80
N GLN A 539 -10.22 -24.45 8.81
CA GLN A 539 -11.16 -24.93 9.82
C GLN A 539 -12.59 -24.76 9.37
N GLN B 1 12.01 -21.87 -9.28
CA GLN B 1 13.26 -22.60 -9.26
C GLN B 1 13.34 -23.54 -8.07
N VAL B 2 12.23 -24.22 -7.78
CA VAL B 2 12.15 -25.15 -6.66
C VAL B 2 12.11 -26.57 -7.21
N GLN B 3 13.00 -27.42 -6.69
CA GLN B 3 13.09 -28.81 -7.10
C GLN B 3 12.94 -29.69 -5.87
N LEU B 4 12.11 -30.72 -5.99
CA LEU B 4 11.75 -31.58 -4.86
C LEU B 4 12.37 -32.96 -5.03
N VAL B 5 12.90 -33.50 -3.93
CA VAL B 5 13.52 -34.82 -3.92
C VAL B 5 12.73 -35.69 -2.94
N GLU B 6 12.27 -36.84 -3.42
CA GLU B 6 11.55 -37.79 -2.59
C GLU B 6 12.50 -38.88 -2.08
N SER B 7 12.19 -39.40 -0.91
CA SER B 7 13.01 -40.46 -0.30
C SER B 7 12.16 -41.23 0.69
N GLY B 8 12.65 -42.41 1.07
CA GLY B 8 11.94 -43.26 2.00
C GLY B 8 10.89 -44.16 1.37
N GLY B 9 10.91 -44.33 0.06
CA GLY B 9 9.95 -45.16 -0.65
C GLY B 9 10.61 -46.46 -1.10
N GLY B 10 9.81 -47.52 -1.15
CA GLY B 10 10.31 -48.81 -1.57
C GLY B 10 9.36 -49.90 -1.16
N LEU B 11 9.78 -51.14 -1.45
CA LEU B 11 8.98 -52.30 -1.06
C LEU B 11 9.04 -52.50 0.44
N VAL B 12 7.87 -52.62 1.07
CA VAL B 12 7.75 -52.79 2.50
C VAL B 12 6.75 -53.92 2.77
N GLN B 13 6.80 -54.44 3.99
CA GLN B 13 5.88 -55.49 4.40
C GLN B 13 4.46 -54.95 4.49
N ALA B 14 3.49 -55.81 4.18
CA ALA B 14 2.08 -55.44 4.20
C ALA B 14 1.66 -55.03 5.61
N GLY B 15 1.12 -53.81 5.74
CA GLY B 15 0.69 -53.31 7.02
C GLY B 15 1.79 -52.72 7.89
N GLY B 16 3.00 -52.58 7.36
CA GLY B 16 4.11 -52.04 8.11
C GLY B 16 4.11 -50.53 8.15
N SER B 17 4.98 -49.99 8.98
CA SER B 17 5.14 -48.54 9.11
C SER B 17 6.18 -48.04 8.11
N LEU B 18 5.88 -46.92 7.46
CA LEU B 18 6.78 -46.33 6.48
C LEU B 18 6.79 -44.81 6.66
N ARG B 19 7.89 -44.19 6.25
CA ARG B 19 8.01 -42.74 6.28
C ARG B 19 8.50 -42.25 4.92
N LEU B 20 7.85 -41.20 4.42
CA LEU B 20 8.22 -40.57 3.17
C LEU B 20 8.72 -39.16 3.46
N SER B 21 9.81 -38.79 2.79
CA SER B 21 10.43 -37.49 3.00
C SER B 21 10.55 -36.75 1.68
N CYS B 22 10.17 -35.47 1.71
CA CYS B 22 10.30 -34.59 0.55
C CYS B 22 11.19 -33.43 0.95
N ALA B 23 12.24 -33.19 0.16
CA ALA B 23 13.22 -32.15 0.45
C ALA B 23 13.22 -31.13 -0.68
N ALA B 24 13.17 -29.86 -0.30
CA ALA B 24 13.25 -28.74 -1.24
C ALA B 24 14.53 -27.95 -0.97
N SER B 25 15.33 -27.76 -2.03
CA SER B 25 16.62 -27.10 -1.90
C SER B 25 16.74 -25.85 -2.76
N GLY B 26 15.94 -25.76 -3.83
CA GLY B 26 16.09 -24.63 -4.74
C GLY B 26 15.84 -23.29 -4.08
N ARG B 27 14.75 -23.19 -3.32
CA ARG B 27 14.40 -21.96 -2.63
C ARG B 27 13.80 -22.29 -1.27
N LEU B 28 13.59 -21.24 -0.46
CA LEU B 28 13.06 -21.41 0.88
C LEU B 28 11.69 -22.07 0.83
N LEU B 29 11.51 -23.10 1.66
CA LEU B 29 10.28 -23.89 1.62
C LEU B 29 9.13 -23.26 2.40
N SER B 30 9.40 -22.26 3.22
CA SER B 30 8.35 -21.63 4.03
C SER B 30 7.41 -20.76 3.20
N TRP B 31 7.54 -20.77 1.87
CA TRP B 31 6.67 -20.01 0.99
C TRP B 31 5.76 -20.89 0.14
N TYR B 32 5.73 -22.20 0.38
CA TYR B 32 5.03 -23.11 -0.52
C TYR B 32 4.12 -24.04 0.26
N ASP B 33 2.89 -24.20 -0.23
CA ASP B 33 2.01 -25.24 0.26
C ASP B 33 2.32 -26.54 -0.45
N MET B 34 2.52 -27.61 0.31
CA MET B 34 2.99 -28.86 -0.24
C MET B 34 1.86 -29.89 -0.21
N ALA B 35 2.06 -30.98 -0.95
CA ALA B 35 1.04 -32.03 -1.03
C ALA B 35 1.71 -33.30 -1.54
N TRP B 36 1.01 -34.42 -1.37
CA TRP B 36 1.42 -35.71 -1.90
C TRP B 36 0.32 -36.24 -2.80
N PHE B 37 0.72 -36.81 -3.94
CA PHE B 37 -0.20 -37.46 -4.86
C PHE B 37 0.28 -38.88 -5.09
N ARG B 38 -0.63 -39.76 -5.47
CA ARG B 38 -0.27 -41.13 -5.83
C ARG B 38 -0.82 -41.45 -7.21
N GLN B 39 0.07 -41.88 -8.10
CA GLN B 39 -0.29 -42.38 -9.42
C GLN B 39 -0.41 -43.89 -9.30
N ALA B 40 -1.60 -44.41 -9.61
CA ALA B 40 -1.80 -45.85 -9.64
C ALA B 40 -1.48 -46.38 -11.04
N PRO B 41 -1.04 -47.64 -11.13
CA PRO B 41 -0.78 -48.21 -12.46
C PRO B 41 -1.99 -48.22 -13.36
N GLY B 42 -3.17 -48.47 -12.81
CA GLY B 42 -4.39 -48.53 -13.61
C GLY B 42 -5.27 -47.31 -13.49
N LYS B 43 -4.77 -46.24 -12.88
CA LYS B 43 -5.54 -45.03 -12.68
C LYS B 43 -4.64 -43.83 -12.95
N GLU B 44 -5.16 -42.64 -12.64
CA GLU B 44 -4.44 -41.39 -12.83
C GLU B 44 -3.96 -40.87 -11.47
N ARG B 45 -3.38 -39.67 -11.48
CA ARG B 45 -2.92 -39.06 -10.25
C ARG B 45 -4.08 -38.83 -9.30
N GLU B 46 -3.87 -39.21 -8.04
CA GLU B 46 -4.90 -39.12 -7.01
C GLU B 46 -4.36 -38.35 -5.82
N PHE B 47 -5.19 -37.46 -5.27
CA PHE B 47 -4.79 -36.69 -4.09
C PHE B 47 -4.70 -37.59 -2.86
N VAL B 48 -3.71 -37.31 -2.01
CA VAL B 48 -3.50 -38.06 -0.78
C VAL B 48 -3.58 -37.15 0.44
N ALA B 49 -2.69 -36.17 0.53
CA ALA B 49 -2.66 -35.26 1.67
C ALA B 49 -2.03 -33.94 1.23
N ALA B 50 -2.27 -32.90 2.01
CA ALA B 50 -1.70 -31.60 1.71
C ALA B 50 -1.52 -30.81 3.00
N VAL B 51 -0.50 -29.95 3.00
CA VAL B 51 -0.19 -29.09 4.14
C VAL B 51 0.07 -27.69 3.63
N THR B 52 -0.29 -26.70 4.43
CA THR B 52 -0.12 -25.30 4.06
C THR B 52 1.30 -24.83 4.42
N SER B 53 1.49 -23.52 4.33
CA SER B 53 2.83 -22.94 4.51
C SER B 53 3.39 -23.18 5.91
N THR B 54 2.62 -22.82 6.93
CA THR B 54 3.14 -22.94 8.30
C THR B 54 3.04 -24.37 8.81
N GLY B 55 1.93 -25.04 8.53
CA GLY B 55 1.72 -26.38 9.04
C GLY B 55 0.51 -26.47 9.93
N ALA B 56 -0.20 -25.35 10.07
CA ALA B 56 -1.41 -25.29 10.88
C ALA B 56 -2.64 -25.79 10.15
N GLY B 57 -2.56 -25.96 8.84
CA GLY B 57 -3.69 -26.47 8.07
C GLY B 57 -3.32 -27.68 7.24
N THR B 58 -3.91 -28.82 7.56
CA THR B 58 -3.64 -30.06 6.83
C THR B 58 -4.96 -30.62 6.32
N HIS B 59 -4.93 -31.21 5.14
CA HIS B 59 -6.11 -31.81 4.52
C HIS B 59 -5.77 -33.22 4.06
N TYR B 60 -6.73 -34.14 4.22
CA TYR B 60 -6.54 -35.52 3.85
C TYR B 60 -7.63 -36.01 2.91
N VAL B 61 -7.69 -37.32 2.67
CA VAL B 61 -8.76 -37.96 1.94
C VAL B 61 -9.58 -38.78 2.93
N ASP B 62 -10.89 -38.86 2.68
CA ASP B 62 -11.79 -39.54 3.61
C ASP B 62 -11.43 -41.02 3.77
N SER B 63 -10.72 -41.60 2.81
CA SER B 63 -10.33 -43.00 2.87
C SER B 63 -8.97 -43.20 3.51
N VAL B 64 -8.33 -42.14 4.01
CA VAL B 64 -7.02 -42.23 4.61
C VAL B 64 -6.96 -41.61 6.00
N LYS B 65 -8.06 -41.04 6.49
CA LYS B 65 -8.07 -40.42 7.81
C LYS B 65 -7.75 -41.43 8.89
N GLY B 66 -6.95 -41.00 9.87
CA GLY B 66 -6.60 -41.83 11.00
C GLY B 66 -5.46 -42.80 10.78
N ARG B 67 -4.91 -42.85 9.57
CA ARG B 67 -3.82 -43.76 9.24
C ARG B 67 -2.53 -43.05 8.88
N PHE B 68 -2.59 -41.98 8.10
CA PHE B 68 -1.42 -41.25 7.65
C PHE B 68 -1.35 -39.92 8.38
N THR B 69 -0.13 -39.52 8.74
CA THR B 69 0.11 -38.26 9.44
C THR B 69 1.17 -37.48 8.66
N ILE B 70 0.83 -36.28 8.23
CA ILE B 70 1.73 -35.45 7.44
C ILE B 70 2.18 -34.27 8.28
N SER B 71 3.48 -33.99 8.26
CA SER B 71 4.06 -32.89 9.02
C SER B 71 5.21 -32.30 8.20
N ARG B 72 5.75 -31.19 8.69
CA ARG B 72 6.86 -30.54 8.01
C ARG B 72 7.72 -29.78 9.00
N VAL B 73 9.01 -29.72 8.69
CA VAL B 73 9.98 -28.92 9.43
C VAL B 73 10.50 -27.88 8.44
N ASN B 74 10.09 -26.63 8.64
CA ASN B 74 10.50 -25.56 7.73
C ASN B 74 11.91 -25.09 7.99
N ALA B 75 12.48 -25.39 9.17
CA ALA B 75 13.85 -25.02 9.44
C ALA B 75 14.82 -25.74 8.52
N LYS B 76 14.60 -27.04 8.29
CA LYS B 76 15.42 -27.83 7.40
C LYS B 76 14.76 -28.04 6.03
N ASN B 77 13.63 -27.39 5.80
CA ASN B 77 12.91 -27.47 4.51
C ASN B 77 12.62 -28.93 4.14
N THR B 78 12.07 -29.69 5.09
CA THR B 78 11.81 -31.10 4.87
C THR B 78 10.41 -31.47 5.34
N MET B 79 9.63 -32.07 4.46
CA MET B 79 8.30 -32.55 4.78
C MET B 79 8.32 -34.05 4.98
N TYR B 80 7.61 -34.52 6.00
CA TYR B 80 7.56 -35.94 6.32
C TYR B 80 6.11 -36.40 6.29
N LEU B 81 5.93 -37.67 5.95
CA LEU B 81 4.61 -38.30 5.95
C LEU B 81 4.76 -39.71 6.50
N GLN B 82 4.16 -39.97 7.66
CA GLN B 82 4.19 -41.30 8.25
C GLN B 82 2.94 -42.06 7.86
N MET B 83 3.12 -43.24 7.28
CA MET B 83 2.03 -44.10 6.85
C MET B 83 2.08 -45.39 7.67
N ASN B 84 0.95 -45.74 8.27
CA ASN B 84 0.87 -46.90 9.14
C ASN B 84 -0.32 -47.76 8.73
N SER B 85 -0.22 -49.07 8.99
CA SER B 85 -1.25 -50.03 8.62
C SER B 85 -1.54 -49.95 7.13
N LEU B 86 -0.54 -50.25 6.30
CA LEU B 86 -0.66 -50.08 4.87
C LEU B 86 -1.64 -51.07 4.26
N LYS B 87 -2.71 -50.55 3.67
CA LYS B 87 -3.62 -51.38 2.90
C LYS B 87 -2.99 -51.71 1.54
N PRO B 88 -3.40 -52.81 0.92
CA PRO B 88 -2.84 -53.17 -0.39
C PRO B 88 -3.10 -52.14 -1.47
N GLU B 89 -4.11 -51.29 -1.32
CA GLU B 89 -4.39 -50.25 -2.31
C GLU B 89 -3.38 -49.11 -2.24
N ASP B 90 -2.52 -49.09 -1.23
CA ASP B 90 -1.53 -48.02 -1.06
C ASP B 90 -0.33 -48.17 -1.98
N THR B 91 -0.24 -49.28 -2.71
CA THR B 91 0.85 -49.48 -3.66
C THR B 91 0.67 -48.56 -4.86
N ALA B 92 1.55 -47.58 -5.01
CA ALA B 92 1.44 -46.60 -6.08
C ALA B 92 2.73 -45.79 -6.10
N VAL B 93 2.85 -44.91 -7.09
CA VAL B 93 4.00 -44.02 -7.20
C VAL B 93 3.63 -42.67 -6.60
N TYR B 94 4.29 -42.32 -5.50
CA TYR B 94 3.99 -41.10 -4.77
C TYR B 94 4.85 -39.96 -5.30
N TYR B 95 4.20 -38.83 -5.59
CA TYR B 95 4.85 -37.63 -6.09
C TYR B 95 4.63 -36.50 -5.09
N CYS B 96 5.73 -35.86 -4.69
CA CYS B 96 5.67 -34.66 -3.89
C CYS B 96 5.43 -33.45 -4.78
N ALA B 97 4.52 -32.57 -4.35
CA ALA B 97 4.15 -31.41 -5.14
C ALA B 97 4.17 -30.17 -4.27
N ALA B 98 4.52 -29.04 -4.87
CA ALA B 98 4.56 -27.77 -4.17
C ALA B 98 3.87 -26.70 -5.02
N ALA B 99 3.23 -25.76 -4.34
CA ALA B 99 2.57 -24.65 -5.01
C ALA B 99 2.80 -23.38 -4.21
N ASN B 100 2.75 -22.24 -4.90
CA ASN B 100 2.89 -20.97 -4.21
C ASN B 100 1.76 -20.82 -3.19
N THR B 101 2.11 -20.30 -2.01
CA THR B 101 1.15 -20.26 -0.91
C THR B 101 -0.02 -19.34 -1.23
N ARG B 102 -1.23 -19.83 -1.02
CA ARG B 102 -2.45 -19.07 -1.23
C ARG B 102 -3.41 -19.33 -0.08
N LEU B 103 -4.12 -18.30 0.34
CA LEU B 103 -5.06 -18.42 1.46
C LEU B 103 -6.41 -18.97 1.00
N THR B 104 -6.37 -20.10 0.31
CA THR B 104 -7.57 -20.77 -0.15
C THR B 104 -7.81 -22.04 0.66
N ALA B 105 -9.06 -22.51 0.62
CA ALA B 105 -9.44 -23.71 1.35
C ALA B 105 -8.69 -24.90 0.77
N LEU B 106 -7.76 -25.44 1.55
CA LEU B 106 -6.96 -26.58 1.08
C LEU B 106 -7.82 -27.77 0.71
N SER B 107 -9.00 -27.90 1.32
CA SER B 107 -9.92 -28.98 0.95
C SER B 107 -10.48 -28.79 -0.45
N LEU B 108 -10.34 -27.61 -1.05
CA LEU B 108 -10.89 -27.32 -2.35
C LEU B 108 -9.91 -27.54 -3.50
N ARG B 109 -8.60 -27.47 -3.22
CA ARG B 109 -7.59 -27.54 -4.28
C ARG B 109 -7.07 -28.98 -4.37
N THR B 110 -7.89 -29.85 -4.95
CA THR B 110 -7.48 -31.21 -5.31
C THR B 110 -7.89 -31.41 -6.77
N THR B 111 -7.04 -30.94 -7.69
CA THR B 111 -7.35 -30.98 -9.10
C THR B 111 -6.15 -31.34 -9.97
N THR B 112 -5.01 -31.67 -9.37
CA THR B 112 -3.73 -31.98 -10.02
C THR B 112 -3.42 -30.99 -11.15
N GLY B 113 -3.94 -29.78 -11.05
CA GLY B 113 -3.64 -28.72 -12.00
C GLY B 113 -3.14 -27.48 -11.30
N SER B 114 -3.50 -27.34 -10.02
CA SER B 114 -3.08 -26.18 -9.24
C SER B 114 -1.61 -26.27 -8.85
N TRP B 115 -1.08 -27.48 -8.71
CA TRP B 115 0.29 -27.69 -8.27
C TRP B 115 1.21 -27.65 -9.48
N ALA B 116 1.94 -26.55 -9.64
CA ALA B 116 2.81 -26.35 -10.80
C ALA B 116 4.20 -26.94 -10.62
N TYR B 117 4.52 -27.48 -9.45
CA TYR B 117 5.83 -28.03 -9.17
C TYR B 117 5.66 -29.49 -8.79
N TRP B 118 6.56 -30.34 -9.31
CA TRP B 118 6.44 -31.77 -9.11
C TRP B 118 7.82 -32.37 -8.88
N GLY B 119 7.83 -33.57 -8.30
CA GLY B 119 9.05 -34.31 -8.07
C GLY B 119 9.14 -35.57 -8.92
N LYS B 120 10.24 -36.29 -8.74
CA LYS B 120 10.45 -37.52 -9.48
C LYS B 120 9.41 -38.57 -9.12
N GLY B 121 9.12 -38.73 -7.83
CA GLY B 121 8.12 -39.71 -7.40
C GLY B 121 8.70 -41.08 -7.13
N THR B 122 8.55 -41.56 -5.90
CA THR B 122 9.08 -42.88 -5.56
C THR B 122 7.96 -43.91 -5.48
N PRO B 123 8.20 -45.15 -5.88
CA PRO B 123 7.14 -46.16 -5.80
C PRO B 123 7.08 -46.84 -4.44
N VAL B 124 5.89 -47.18 -3.97
CA VAL B 124 5.69 -47.86 -2.71
C VAL B 124 4.78 -49.06 -2.95
N THR B 125 5.21 -50.23 -2.46
CA THR B 125 4.52 -51.49 -2.68
C THR B 125 4.06 -52.04 -1.34
N VAL B 126 2.80 -52.46 -1.25
CA VAL B 126 2.26 -53.04 -0.04
C VAL B 126 2.05 -54.53 -0.22
O1B LMT C . -1.65 4.53 1.60
C1' LMT C . -0.32 8.30 0.68
C2' LMT C . -1.40 7.77 -0.28
C3' LMT C . -2.06 6.49 0.31
C4' LMT C . -1.00 5.48 0.78
C5' LMT C . -0.02 6.28 1.68
C6' LMT C . 1.01 5.43 2.39
O1' LMT C . 0.36 9.34 0.12
O2' LMT C . -2.36 8.74 -0.41
O3' LMT C . -2.87 5.90 -0.61
O5' LMT C . 0.61 7.27 0.92
O6' LMT C . 0.99 4.20 1.76
C1 LMT C . 0.94 9.09 -1.14
C2 LMT C . 0.77 10.37 -1.89
C3 LMT C . 1.98 10.89 -2.62
C4 LMT C . 2.89 11.52 -1.61
C5 LMT C . 4.14 11.99 -2.27
C6 LMT C . 4.44 13.41 -1.97
C7 LMT C . 4.87 13.55 -0.54
C8 LMT C . 6.36 13.49 -0.48
C9 LMT C . 6.91 13.08 0.85
C10 LMT C . 8.30 13.62 0.94
C11 LMT C . 9.03 13.03 2.10
C12 LMT C . 10.38 13.63 2.27
#